data_9EGI
#
_entry.id   9EGI
#
_cell.length_a   120.153
_cell.length_b   127.313
_cell.length_c   206.655
_cell.angle_alpha   90.000
_cell.angle_beta   90.000
_cell.angle_gamma   90.000
#
_symmetry.space_group_name_H-M   'F 2 2 2'
#
loop_
_entity.id
_entity.type
_entity.pdbx_description
1 polymer 'Ergothioneine transporter EgtUC'
2 non-polymer trimethyl-[(2S)-1-oxidanyl-1-oxidanylidene-3-(2-sulfanylidene-1,3-dihydroimidazol-4-yl)propan-2-yl]azanium
3 water water
#
_entity_poly.entity_id   1
_entity_poly.type   'polypeptide(L)'
_entity_poly.pdbx_seq_one_letter_code
;SHMEKENLIIAGKIGPEPEILANMYKLLIEENTSMTATVKPNFGGTSFLYEALKKGDIDIYPEFTGTVTESLLQPSPKVS
HEPEQVYQVARDGIAKQDHLAYLKPMSYQNTYAVAVPKKIAQEYGLKTISDLKKVEGQLKAGFTLEFNDREDGNKGLQSM
YGLNLNVATMQPALRYQAIHSGDIQITDAYSTDAELERYDLQVLEDDKQLFPPYQGAPLMKEALLKKHPELERVLNTLAG
KITESQMSQLNYQVGVEGKSAKQVAKEFLQEQGLLKK
;
_entity_poly.pdbx_strand_id   A,B
#
loop_
_chem_comp.id
_chem_comp.type
_chem_comp.name
_chem_comp.formula
LW8 non-polymer trimethyl-[(2S)-1-oxidanyl-1-oxidanylidene-3-(2-sulfanylidene-1,3-dihydroimidazol-4-yl)propan-2-yl]azanium 'C9 H16 N3 O2 S 1'
#
# COMPACT_ATOMS: atom_id res chain seq x y z
N MET A 3 24.28 28.05 31.75
CA MET A 3 23.88 28.70 30.51
C MET A 3 23.22 27.72 29.56
N GLU A 4 22.33 28.27 28.71
CA GLU A 4 21.71 27.56 27.59
C GLU A 4 20.95 26.31 28.06
N LYS A 5 19.89 26.55 28.84
CA LYS A 5 19.05 25.47 29.37
C LYS A 5 17.78 25.36 28.51
N GLU A 6 18.00 25.01 27.25
CA GLU A 6 16.92 24.88 26.28
C GLU A 6 15.91 23.83 26.72
N ASN A 7 14.62 24.12 26.50
CA ASN A 7 13.54 23.26 26.95
C ASN A 7 12.83 22.64 25.76
N LEU A 8 12.85 21.32 25.68
CA LEU A 8 12.24 20.61 24.58
C LEU A 8 10.80 20.27 24.92
N ILE A 9 9.93 20.36 23.92
CA ILE A 9 8.53 19.94 24.03
C ILE A 9 8.41 18.53 23.48
N ILE A 10 8.07 17.57 24.34
CA ILE A 10 7.89 16.19 23.95
C ILE A 10 6.41 15.88 24.11
N ALA A 11 5.73 15.60 23.00
CA ALA A 11 4.30 15.33 23.05
C ALA A 11 4.04 13.87 22.79
N GLY A 12 2.84 13.44 23.11
CA GLY A 12 2.43 12.09 22.83
C GLY A 12 1.05 12.09 22.23
N LYS A 13 0.76 11.02 21.49
CA LYS A 13 -0.58 10.80 20.98
C LYS A 13 -1.45 10.36 22.16
N ILE A 14 -2.71 10.05 21.88
CA ILE A 14 -3.68 9.75 22.94
C ILE A 14 -3.33 8.43 23.62
N GLY A 15 -3.38 8.40 24.94
CA GLY A 15 -3.22 7.16 25.66
C GLY A 15 -2.04 7.12 26.62
N PRO A 16 -2.04 6.15 27.52
CA PRO A 16 -0.93 6.06 28.49
C PRO A 16 0.40 5.80 27.82
N GLU A 17 0.43 4.95 26.80
CA GLU A 17 1.71 4.58 26.20
C GLU A 17 2.52 5.75 25.67
N PRO A 18 1.98 6.65 24.82
CA PRO A 18 2.79 7.80 24.40
C PRO A 18 3.21 8.66 25.57
N GLU A 19 2.32 8.83 26.55
CA GLU A 19 2.63 9.57 27.76
C GLU A 19 3.76 8.93 28.53
N ILE A 20 3.73 7.59 28.65
CA ILE A 20 4.86 6.87 29.23
C ILE A 20 6.10 7.08 28.37
N LEU A 21 5.98 6.89 27.05
CA LEU A 21 7.16 7.05 26.20
C LEU A 21 7.72 8.46 26.27
N ALA A 22 6.85 9.46 26.22
CA ALA A 22 7.33 10.84 26.25
C ALA A 22 8.08 11.13 27.54
N ASN A 23 7.55 10.64 28.65
CA ASN A 23 8.23 10.85 29.91
C ASN A 23 9.56 10.13 29.94
N MET A 24 9.67 8.93 29.36
CA MET A 24 11.00 8.33 29.28
C MET A 24 11.95 9.22 28.49
N TYR A 25 11.47 9.84 27.41
CA TYR A 25 12.32 10.76 26.67
C TYR A 25 12.76 11.91 27.55
N LYS A 26 11.83 12.48 28.32
CA LYS A 26 12.17 13.57 29.22
C LYS A 26 13.19 13.13 30.25
N LEU A 27 12.98 11.96 30.87
CA LEU A 27 13.88 11.51 31.92
C LEU A 27 15.29 11.31 31.38
N LEU A 28 15.38 10.67 30.22
CA LEU A 28 16.67 10.45 29.60
C LEU A 28 17.30 11.78 29.21
N ILE A 29 16.52 12.68 28.63
CA ILE A 29 17.08 13.96 28.17
C ILE A 29 17.62 14.74 29.35
N GLU A 30 16.83 14.85 30.40
CA GLU A 30 17.21 15.72 31.51
C GLU A 30 18.39 15.16 32.26
N GLU A 31 18.51 13.83 32.33
CA GLU A 31 19.67 13.25 33.00
C GLU A 31 20.94 13.43 32.19
N ASN A 32 20.89 13.24 30.87
CA ASN A 32 22.11 13.09 30.09
C ASN A 32 22.46 14.26 29.21
N THR A 33 21.61 15.29 29.15
CA THR A 33 21.92 16.49 28.39
C THR A 33 21.70 17.70 29.28
N SER A 34 22.14 18.86 28.81
CA SER A 34 21.91 20.10 29.53
C SER A 34 20.55 20.72 29.19
N MET A 35 19.59 19.90 28.82
CA MET A 35 18.32 20.32 28.26
C MET A 35 17.21 19.81 29.17
N THR A 36 16.20 20.64 29.38
CA THR A 36 14.99 20.21 30.05
C THR A 36 13.94 19.81 29.02
N ALA A 37 12.88 19.17 29.50
CA ALA A 37 11.82 18.76 28.62
C ALA A 37 10.49 18.93 29.31
N THR A 38 9.47 19.23 28.52
CA THR A 38 8.09 19.28 28.96
C THR A 38 7.32 18.19 28.24
N VAL A 39 6.59 17.35 28.99
CA VAL A 39 5.77 16.30 28.37
C VAL A 39 4.36 16.81 28.17
N LYS A 40 3.85 16.68 26.95
CA LYS A 40 2.48 17.10 26.68
C LYS A 40 1.66 15.84 26.47
N PRO A 41 0.98 15.33 27.49
CA PRO A 41 0.17 14.12 27.32
C PRO A 41 -1.02 14.37 26.42
N ASN A 42 -1.41 13.31 25.71
CA ASN A 42 -2.67 13.27 24.96
C ASN A 42 -2.81 14.48 24.05
N PHE A 43 -1.73 14.77 23.33
CA PHE A 43 -1.61 16.02 22.59
C PHE A 43 -2.53 16.02 21.37
N GLY A 44 -2.61 14.89 20.70
CA GLY A 44 -3.53 14.76 19.58
C GLY A 44 -3.34 13.41 18.95
N GLY A 45 -3.90 13.28 17.74
CA GLY A 45 -3.65 12.11 16.92
C GLY A 45 -2.44 12.32 16.05
N THR A 46 -2.20 11.31 15.21
CA THR A 46 -0.99 11.28 14.38
C THR A 46 -0.84 12.54 13.55
N SER A 47 -1.89 12.93 12.84
CA SER A 47 -1.76 14.05 11.93
C SER A 47 -1.44 15.32 12.69
N PHE A 48 -2.03 15.48 13.87
CA PHE A 48 -1.76 16.69 14.62
C PHE A 48 -0.33 16.69 15.16
N LEU A 49 0.11 15.56 15.71
CA LEU A 49 1.46 15.45 16.22
C LEU A 49 2.46 15.70 15.09
N TYR A 50 2.22 15.06 13.95
CA TYR A 50 3.11 15.20 12.81
C TYR A 50 3.17 16.63 12.31
N GLU A 51 2.01 17.30 12.20
CA GLU A 51 2.07 18.69 11.76
C GLU A 51 2.59 19.59 12.84
N ALA A 52 2.37 19.23 14.11
CA ALA A 52 2.98 20.02 15.17
C ALA A 52 4.49 19.92 15.11
N LEU A 53 5.01 18.73 14.82
CA LEU A 53 6.47 18.55 14.76
C LEU A 53 7.09 19.38 13.65
N LYS A 54 6.52 19.27 12.44
CA LYS A 54 7.09 19.98 11.29
C LYS A 54 7.04 21.48 11.49
N LYS A 55 6.04 21.96 12.23
CA LYS A 55 5.86 23.38 12.48
C LYS A 55 6.73 23.90 13.61
N GLY A 56 7.33 23.01 14.41
CA GLY A 56 8.09 23.46 15.54
C GLY A 56 7.29 23.75 16.79
N ASP A 57 5.97 23.52 16.77
CA ASP A 57 5.20 23.58 18.01
C ASP A 57 5.62 22.50 19.00
N ILE A 58 6.07 21.36 18.52
CA ILE A 58 6.65 20.36 19.42
C ILE A 58 8.01 20.00 18.85
N ASP A 59 8.86 19.43 19.70
CA ASP A 59 10.21 19.08 19.30
C ASP A 59 10.42 17.60 19.09
N ILE A 60 9.72 16.75 19.85
CA ILE A 60 9.84 15.30 19.74
C ILE A 60 8.47 14.72 20.01
N TYR A 61 8.17 13.61 19.34
CA TYR A 61 7.10 12.72 19.80
C TYR A 61 7.42 11.31 19.34
N PRO A 62 6.84 10.29 20.00
CA PRO A 62 7.10 8.91 19.59
C PRO A 62 6.20 8.54 18.43
N GLU A 63 6.79 8.14 17.31
CA GLU A 63 6.01 7.79 16.15
C GLU A 63 6.33 6.36 15.74
N PHE A 64 5.38 5.73 15.07
CA PHE A 64 5.42 4.29 14.83
C PHE A 64 5.72 4.02 13.37
N THR A 65 6.47 2.94 13.14
CA THR A 65 7.11 2.74 11.85
C THR A 65 6.08 2.58 10.76
N GLY A 66 5.12 1.68 10.98
CA GLY A 66 4.06 1.49 10.00
C GLY A 66 3.23 2.73 9.82
N THR A 67 3.11 3.55 10.86
CA THR A 67 2.37 4.81 10.70
C THR A 67 3.15 5.76 9.80
N VAL A 68 4.47 5.76 9.90
CA VAL A 68 5.24 6.59 8.97
C VAL A 68 4.99 6.14 7.54
N THR A 69 5.10 4.83 7.30
CA THR A 69 4.98 4.34 5.93
C THR A 69 3.56 4.46 5.38
N GLU A 70 2.55 4.31 6.24
CA GLU A 70 1.17 4.19 5.78
C GLU A 70 0.42 5.53 5.76
N SER A 71 0.55 6.35 6.80
CA SER A 71 -0.11 7.66 6.83
C SER A 71 0.82 8.79 6.43
N LEU A 72 2.02 8.85 7.02
CA LEU A 72 2.85 10.04 6.91
C LEU A 72 3.47 10.18 5.52
N LEU A 73 4.02 9.09 4.99
CA LEU A 73 4.66 9.15 3.67
C LEU A 73 3.59 9.15 2.59
N GLN A 74 3.66 10.12 1.68
CA GLN A 74 2.67 10.25 0.63
C GLN A 74 3.44 10.54 -0.65
N PRO A 75 3.42 9.66 -1.65
CA PRO A 75 2.65 8.41 -1.71
C PRO A 75 3.23 7.34 -0.80
N SER A 76 2.37 6.51 -0.24
CA SER A 76 2.82 5.48 0.69
C SER A 76 3.61 4.44 -0.08
N PRO A 77 4.76 4.02 0.41
CA PRO A 77 5.51 2.96 -0.27
C PRO A 77 4.95 1.59 0.07
N LYS A 78 5.09 0.67 -0.88
CA LYS A 78 4.70 -0.72 -0.64
C LYS A 78 5.82 -1.40 0.12
N VAL A 79 5.62 -1.62 1.42
CA VAL A 79 6.68 -2.15 2.29
C VAL A 79 6.37 -3.58 2.70
N SER A 80 7.42 -4.26 3.15
CA SER A 80 7.35 -5.65 3.53
C SER A 80 6.73 -5.75 4.91
N HIS A 81 6.74 -6.95 5.48
CA HIS A 81 6.32 -7.14 6.86
C HIS A 81 7.51 -7.31 7.80
N GLU A 82 8.73 -7.28 7.27
CA GLU A 82 9.92 -7.27 8.11
C GLU A 82 10.02 -5.96 8.88
N PRO A 83 10.02 -5.98 10.22
CA PRO A 83 9.99 -4.71 10.96
C PRO A 83 11.21 -3.84 10.71
N GLU A 84 12.37 -4.46 10.45
CA GLU A 84 13.58 -3.69 10.24
C GLU A 84 13.52 -2.94 8.92
N GLN A 85 13.15 -3.65 7.84
CA GLN A 85 12.94 -3.02 6.54
C GLN A 85 11.90 -1.91 6.62
N VAL A 86 10.80 -2.16 7.36
CA VAL A 86 9.78 -1.12 7.50
C VAL A 86 10.34 0.07 8.26
N TYR A 87 11.21 -0.16 9.25
CA TYR A 87 11.86 0.98 9.89
C TYR A 87 12.71 1.75 8.88
N GLN A 88 13.49 1.05 8.05
CA GLN A 88 14.41 1.76 7.17
C GLN A 88 13.66 2.59 6.13
N VAL A 89 12.59 2.04 5.56
CA VAL A 89 11.79 2.83 4.63
C VAL A 89 11.23 4.04 5.33
N ALA A 90 10.70 3.84 6.55
CA ALA A 90 10.15 4.95 7.31
C ALA A 90 11.19 6.03 7.54
N ARG A 91 12.37 5.62 8.03
CA ARG A 91 13.42 6.57 8.42
C ARG A 91 13.97 7.31 7.21
N ASP A 92 14.22 6.59 6.13
CA ASP A 92 14.72 7.24 4.92
C ASP A 92 13.61 8.05 4.24
N GLY A 93 12.41 7.48 4.20
CA GLY A 93 11.32 8.16 3.55
C GLY A 93 10.96 9.47 4.22
N ILE A 94 10.92 9.47 5.55
CA ILE A 94 10.45 10.68 6.22
C ILE A 94 11.54 11.75 6.27
N ALA A 95 12.81 11.36 6.19
CA ALA A 95 13.88 12.35 6.10
C ALA A 95 13.85 13.05 4.76
N LYS A 96 13.68 12.28 3.67
CA LYS A 96 13.56 12.88 2.36
C LYS A 96 12.33 13.76 2.26
N GLN A 97 11.20 13.28 2.77
CA GLN A 97 9.95 14.00 2.58
C GLN A 97 9.90 15.27 3.41
N ASP A 98 10.25 15.18 4.68
CA ASP A 98 9.99 16.27 5.59
C ASP A 98 11.19 16.69 6.42
N HIS A 99 12.36 16.10 6.16
CA HIS A 99 13.56 16.46 6.89
C HIS A 99 13.34 16.26 8.39
N LEU A 100 12.75 15.12 8.72
CA LEU A 100 12.59 14.66 10.09
C LEU A 100 13.53 13.49 10.35
N ALA A 101 14.22 13.53 11.47
CA ALA A 101 15.06 12.41 11.85
C ALA A 101 14.24 11.46 12.70
N TYR A 102 14.31 10.18 12.38
CA TYR A 102 13.51 9.14 13.01
C TYR A 102 14.49 8.16 13.62
N LEU A 103 14.53 8.10 14.95
CA LEU A 103 15.62 7.38 15.62
C LEU A 103 15.34 5.89 15.60
N LYS A 104 16.18 5.12 16.29
CA LYS A 104 16.04 3.68 16.13
C LYS A 104 14.86 3.16 16.91
N PRO A 105 14.12 2.21 16.33
CA PRO A 105 12.88 1.76 16.95
C PRO A 105 13.11 0.98 18.23
N MET A 106 12.09 1.02 19.07
CA MET A 106 12.08 0.18 20.25
C MET A 106 11.76 -1.26 19.82
N SER A 107 11.84 -2.20 20.75
CA SER A 107 11.66 -3.60 20.36
C SER A 107 10.21 -3.94 20.09
N TYR A 108 9.32 -3.57 21.01
CA TYR A 108 7.96 -4.06 20.96
C TYR A 108 7.18 -3.49 19.79
N GLN A 109 6.11 -4.20 19.44
CA GLN A 109 5.19 -3.78 18.41
C GLN A 109 3.88 -3.41 19.07
N ASN A 110 3.29 -2.31 18.65
CA ASN A 110 1.97 -1.94 19.17
C ASN A 110 1.09 -1.77 17.96
N THR A 111 0.51 -2.86 17.50
CA THR A 111 -0.26 -2.79 16.27
C THR A 111 -1.72 -2.49 16.55
N TYR A 112 -2.35 -1.83 15.58
CA TYR A 112 -3.80 -1.88 15.52
C TYR A 112 -4.22 -3.35 15.57
N ALA A 113 -5.26 -3.62 16.35
CA ALA A 113 -5.72 -4.99 16.50
C ALA A 113 -7.23 -4.96 16.64
N VAL A 114 -7.92 -5.63 15.71
CA VAL A 114 -9.37 -5.72 15.76
C VAL A 114 -9.77 -6.68 16.86
N ALA A 115 -10.57 -6.20 17.81
CA ALA A 115 -10.84 -6.92 19.05
C ALA A 115 -12.32 -7.09 19.28
N VAL A 116 -12.68 -8.27 19.78
CA VAL A 116 -14.07 -8.56 20.15
C VAL A 116 -14.04 -9.16 21.55
N PRO A 117 -15.13 -9.04 22.30
CA PRO A 117 -15.21 -9.74 23.58
C PRO A 117 -15.05 -11.23 23.35
N LYS A 118 -14.52 -11.93 24.35
CA LYS A 118 -14.22 -13.34 24.16
C LYS A 118 -15.50 -14.14 23.90
N LYS A 119 -16.61 -13.77 24.54
CA LYS A 119 -17.85 -14.50 24.32
C LYS A 119 -18.43 -14.23 22.93
N ILE A 120 -18.23 -13.02 22.40
CA ILE A 120 -18.65 -12.74 21.02
C ILE A 120 -17.90 -13.64 20.06
N ALA A 121 -16.58 -13.78 20.24
CA ALA A 121 -15.76 -14.56 19.32
C ALA A 121 -16.18 -16.02 19.33
N GLN A 122 -16.50 -16.57 20.50
CA GLN A 122 -17.03 -17.92 20.63
C GLN A 122 -18.43 -18.02 20.01
N GLU A 123 -19.29 -17.03 20.27
CA GLU A 123 -20.66 -17.11 19.78
C GLU A 123 -20.72 -17.08 18.26
N TYR A 124 -19.92 -16.23 17.64
CA TYR A 124 -19.99 -16.05 16.20
C TYR A 124 -18.85 -16.75 15.47
N GLY A 125 -18.02 -17.50 16.18
CA GLY A 125 -16.93 -18.24 15.56
C GLY A 125 -15.94 -17.30 14.90
N LEU A 126 -15.44 -16.32 15.66
CA LEU A 126 -14.54 -15.29 15.15
C LEU A 126 -13.14 -15.58 15.67
N LYS A 127 -12.25 -15.93 14.77
CA LYS A 127 -10.84 -16.09 15.06
C LYS A 127 -9.96 -15.12 14.30
N THR A 128 -10.33 -14.84 13.06
CA THR A 128 -9.59 -13.95 12.17
C THR A 128 -10.48 -12.78 11.76
N ILE A 129 -9.85 -11.77 11.19
CA ILE A 129 -10.60 -10.64 10.65
C ILE A 129 -11.52 -11.09 9.52
N SER A 130 -11.12 -12.10 8.76
CA SER A 130 -11.98 -12.62 7.69
C SER A 130 -13.32 -13.12 8.22
N ASP A 131 -13.32 -13.73 9.40
CA ASP A 131 -14.57 -14.24 9.99
C ASP A 131 -15.60 -13.14 10.22
N LEU A 132 -15.19 -11.87 10.25
CA LEU A 132 -16.15 -10.80 10.45
C LEU A 132 -17.08 -10.64 9.26
N LYS A 133 -16.59 -10.98 8.06
CA LYS A 133 -17.44 -10.99 6.87
C LYS A 133 -18.69 -11.85 7.08
N LYS A 134 -18.55 -12.93 7.85
CA LYS A 134 -19.68 -13.80 8.16
C LYS A 134 -20.79 -13.04 8.87
N VAL A 135 -20.42 -12.10 9.73
CA VAL A 135 -21.32 -11.49 10.71
C VAL A 135 -21.33 -9.97 10.64
N GLU A 136 -20.90 -9.41 9.51
CA GLU A 136 -20.78 -7.96 9.41
C GLU A 136 -22.13 -7.24 9.45
N GLY A 137 -23.24 -7.96 9.23
CA GLY A 137 -24.56 -7.40 9.40
C GLY A 137 -25.19 -7.61 10.76
N GLN A 138 -24.50 -8.28 11.69
CA GLN A 138 -25.01 -8.54 13.03
C GLN A 138 -24.33 -7.70 14.09
N LEU A 139 -23.04 -7.47 13.94
CA LEU A 139 -22.26 -6.81 14.97
C LEU A 139 -22.04 -5.34 14.62
N LYS A 140 -21.93 -4.53 15.67
CA LYS A 140 -21.69 -3.11 15.56
C LYS A 140 -20.25 -2.82 15.97
N ALA A 141 -19.56 -2.00 15.18
CA ALA A 141 -18.17 -1.67 15.41
C ALA A 141 -18.04 -0.24 15.92
N GLY A 142 -17.09 -0.03 16.82
CA GLY A 142 -16.72 1.31 17.22
C GLY A 142 -15.25 1.56 16.99
N PHE A 143 -14.93 2.49 16.10
CA PHE A 143 -13.55 2.72 15.67
C PHE A 143 -13.17 4.16 15.97
N THR A 144 -11.89 4.37 16.26
CA THR A 144 -11.42 5.73 16.32
C THR A 144 -11.55 6.37 14.96
N LEU A 145 -11.68 7.69 14.96
CA LEU A 145 -11.75 8.45 13.74
C LEU A 145 -10.51 8.23 12.88
N GLU A 146 -9.33 8.20 13.51
CA GLU A 146 -8.11 8.04 12.73
C GLU A 146 -8.03 6.65 12.11
N PHE A 147 -8.36 5.61 12.89
CA PHE A 147 -8.37 4.26 12.34
C PHE A 147 -9.37 4.15 11.19
N ASN A 148 -10.52 4.81 11.31
CA ASN A 148 -11.46 4.89 10.20
C ASN A 148 -10.84 5.45 8.92
N ASP A 149 -10.07 6.51 9.04
CA ASP A 149 -9.62 7.24 7.87
C ASP A 149 -8.32 6.69 7.31
N ARG A 150 -7.76 5.69 7.96
CA ARG A 150 -6.43 5.22 7.63
C ARG A 150 -6.55 4.06 6.67
N GLU A 151 -5.75 4.11 5.60
CA GLU A 151 -5.70 3.01 4.65
C GLU A 151 -5.27 1.72 5.32
N ASP A 152 -4.50 1.80 6.40
CA ASP A 152 -4.19 0.62 7.19
C ASP A 152 -5.18 0.45 8.35
N GLY A 153 -6.26 1.21 8.35
CA GLY A 153 -7.33 1.04 9.31
C GLY A 153 -8.57 0.53 8.61
N ASN A 154 -9.73 1.14 8.88
CA ASN A 154 -10.98 0.62 8.36
C ASN A 154 -11.05 0.70 6.85
N LYS A 155 -10.45 1.72 6.25
CA LYS A 155 -10.39 1.76 4.79
C LYS A 155 -9.68 0.54 4.25
N GLY A 156 -8.75 -0.02 5.01
CA GLY A 156 -8.13 -1.27 4.61
C GLY A 156 -8.90 -2.51 5.03
N LEU A 157 -9.74 -2.41 6.06
CA LEU A 157 -10.69 -3.49 6.28
C LEU A 157 -11.60 -3.61 5.06
N GLN A 158 -12.06 -2.48 4.51
CA GLN A 158 -12.87 -2.53 3.30
C GLN A 158 -12.07 -3.01 2.11
N SER A 159 -10.89 -2.43 1.85
CA SER A 159 -10.25 -2.69 0.58
C SER A 159 -9.55 -4.04 0.56
N MET A 160 -8.95 -4.44 1.67
CA MET A 160 -8.26 -5.72 1.66
C MET A 160 -9.12 -6.89 2.12
N TYR A 161 -10.00 -6.69 3.09
CA TYR A 161 -10.81 -7.81 3.55
C TYR A 161 -12.16 -7.87 2.87
N GLY A 162 -12.56 -6.82 2.18
CA GLY A 162 -13.91 -6.75 1.69
C GLY A 162 -14.91 -6.39 2.75
N LEU A 163 -14.46 -6.17 3.99
CA LEU A 163 -15.36 -5.90 5.11
C LEU A 163 -16.01 -4.54 4.99
N ASN A 164 -17.33 -4.50 4.97
CA ASN A 164 -18.04 -3.25 5.11
C ASN A 164 -18.76 -3.34 6.45
N LEU A 165 -18.06 -2.94 7.51
CA LEU A 165 -18.62 -3.04 8.84
C LEU A 165 -19.56 -1.90 9.14
N ASN A 166 -20.51 -2.17 10.04
CA ASN A 166 -21.37 -1.14 10.60
C ASN A 166 -20.57 -0.41 11.66
N VAL A 167 -20.07 0.77 11.32
CA VAL A 167 -19.07 1.46 12.13
C VAL A 167 -19.67 2.74 12.68
N ALA A 168 -19.48 2.95 13.98
CA ALA A 168 -19.67 4.24 14.63
C ALA A 168 -18.30 4.76 15.02
N THR A 169 -18.01 6.00 14.66
CA THR A 169 -16.76 6.63 15.06
C THR A 169 -16.85 7.08 16.51
N MET A 170 -15.86 6.71 17.32
CA MET A 170 -15.85 6.91 18.76
C MET A 170 -14.72 7.83 19.16
N GLN A 171 -14.87 8.49 20.30
CA GLN A 171 -13.70 9.02 20.96
C GLN A 171 -12.82 7.83 21.36
N PRO A 172 -11.49 7.97 21.29
CA PRO A 172 -10.62 6.81 21.61
C PRO A 172 -10.90 6.20 22.97
N ALA A 173 -11.11 7.01 24.00
CA ALA A 173 -11.27 6.45 25.34
C ALA A 173 -12.65 5.88 25.59
N LEU A 174 -13.61 6.13 24.70
CA LEU A 174 -14.96 5.63 24.90
C LEU A 174 -15.14 4.26 24.28
N ARG A 175 -14.42 3.99 23.18
CA ARG A 175 -14.62 2.74 22.47
C ARG A 175 -14.42 1.54 23.38
N TYR A 176 -13.51 1.63 24.34
CA TYR A 176 -13.31 0.48 25.22
C TYR A 176 -14.45 0.32 26.20
N GLN A 177 -15.05 1.41 26.64
CA GLN A 177 -16.17 1.22 27.55
C GLN A 177 -17.39 0.75 26.79
N ALA A 178 -17.50 1.13 25.52
CA ALA A 178 -18.62 0.68 24.72
C ALA A 178 -18.59 -0.83 24.51
N ILE A 179 -17.41 -1.35 24.16
CA ILE A 179 -17.32 -2.78 23.89
C ILE A 179 -17.55 -3.57 25.18
N HIS A 180 -17.15 -3.02 26.32
CA HIS A 180 -17.34 -3.72 27.60
C HIS A 180 -18.81 -3.79 27.98
N SER A 181 -19.50 -2.65 27.91
CA SER A 181 -20.90 -2.56 28.27
C SER A 181 -21.83 -3.17 27.24
N GLY A 182 -21.37 -3.34 26.00
CA GLY A 182 -22.12 -4.04 24.97
C GLY A 182 -22.71 -3.17 23.88
N ASP A 183 -22.47 -1.86 23.86
CA ASP A 183 -23.07 -1.06 22.79
C ASP A 183 -22.37 -1.26 21.46
N ILE A 184 -21.13 -1.75 21.49
CA ILE A 184 -20.43 -2.19 20.28
C ILE A 184 -19.82 -3.54 20.57
N GLN A 185 -19.45 -4.24 19.51
CA GLN A 185 -18.89 -5.57 19.62
C GLN A 185 -17.54 -5.70 18.92
N ILE A 186 -17.16 -4.75 18.08
CA ILE A 186 -15.85 -4.70 17.45
C ILE A 186 -15.25 -3.34 17.72
N THR A 187 -13.96 -3.30 18.10
CA THR A 187 -13.23 -2.04 18.22
C THR A 187 -11.79 -2.18 17.75
N ASP A 188 -11.16 -1.03 17.48
CA ASP A 188 -9.76 -0.96 17.06
C ASP A 188 -8.89 -0.89 18.29
N ALA A 189 -8.38 -2.02 18.72
CA ALA A 189 -7.54 -1.99 19.90
C ALA A 189 -6.10 -1.72 19.49
N TYR A 190 -5.32 -1.27 20.44
CA TYR A 190 -3.89 -1.21 20.23
C TYR A 190 -3.32 -2.37 21.01
N SER A 191 -2.40 -3.10 20.38
CA SER A 191 -2.00 -4.41 20.87
C SER A 191 -1.50 -4.38 22.31
N THR A 192 -0.84 -3.30 22.73
CA THR A 192 -0.31 -3.21 24.08
C THR A 192 -1.30 -2.62 25.07
N ASP A 193 -2.54 -2.39 24.66
CA ASP A 193 -3.50 -1.75 25.54
C ASP A 193 -3.87 -2.66 26.70
N ALA A 194 -3.82 -2.11 27.91
CA ALA A 194 -4.20 -2.90 29.08
C ALA A 194 -5.67 -3.31 29.06
N GLU A 195 -6.48 -2.60 28.30
CA GLU A 195 -7.91 -2.85 28.29
C GLU A 195 -8.24 -4.20 27.65
N LEU A 196 -7.35 -4.68 26.77
CA LEU A 196 -7.55 -5.98 26.13
C LEU A 196 -7.65 -7.10 27.17
N GLU A 197 -6.69 -7.13 28.10
CA GLU A 197 -6.70 -8.18 29.10
C GLU A 197 -7.81 -7.92 30.12
N ARG A 198 -8.08 -6.66 30.40
CA ARG A 198 -8.99 -6.31 31.48
C ARG A 198 -10.46 -6.51 31.11
N TYR A 199 -10.80 -6.51 29.81
CA TYR A 199 -12.20 -6.51 29.40
C TYR A 199 -12.57 -7.77 28.62
N ASP A 200 -11.82 -8.87 28.80
CA ASP A 200 -12.02 -10.12 28.06
C ASP A 200 -12.19 -9.88 26.57
N LEU A 201 -11.24 -9.14 26.01
CA LEU A 201 -11.24 -8.83 24.60
C LEU A 201 -10.27 -9.75 23.90
N GLN A 202 -10.76 -10.41 22.85
CA GLN A 202 -9.96 -11.31 22.03
C GLN A 202 -9.61 -10.61 20.73
N VAL A 203 -8.34 -10.64 20.38
CA VAL A 203 -7.86 -9.96 19.18
C VAL A 203 -8.02 -10.90 17.99
N LEU A 204 -8.73 -10.45 16.97
CA LEU A 204 -8.95 -11.24 15.76
C LEU A 204 -7.70 -11.20 14.90
N GLU A 205 -7.28 -12.37 14.44
CA GLU A 205 -6.01 -12.47 13.74
C GLU A 205 -6.07 -11.79 12.38
N ASP A 206 -5.02 -11.03 12.06
CA ASP A 206 -4.93 -10.32 10.79
C ASP A 206 -4.41 -11.28 9.72
N ASP A 207 -5.35 -12.07 9.17
CA ASP A 207 -4.97 -13.15 8.28
C ASP A 207 -4.51 -12.65 6.90
N LYS A 208 -5.05 -11.53 6.41
CA LYS A 208 -4.55 -11.02 5.15
C LYS A 208 -3.39 -10.06 5.35
N GLN A 209 -2.94 -9.89 6.59
CA GLN A 209 -1.79 -9.03 6.91
C GLN A 209 -2.01 -7.61 6.40
N LEU A 210 -3.12 -7.01 6.82
CA LEU A 210 -3.35 -5.60 6.50
C LEU A 210 -2.38 -4.71 7.26
N PHE A 211 -2.09 -5.06 8.51
CA PHE A 211 -1.37 -4.17 9.40
C PHE A 211 0.14 -4.33 9.23
N PRO A 212 0.86 -3.23 9.03
CA PRO A 212 2.30 -3.30 8.91
C PRO A 212 2.94 -3.45 10.27
N PRO A 213 4.25 -3.63 10.35
CA PRO A 213 4.90 -3.54 11.64
C PRO A 213 4.70 -2.15 12.23
N TYR A 214 4.56 -2.08 13.55
CA TYR A 214 4.50 -0.80 14.26
C TYR A 214 5.46 -0.83 15.44
N GLN A 215 6.64 -0.30 15.24
CA GLN A 215 7.55 -0.05 16.34
C GLN A 215 7.65 1.45 16.55
N GLY A 216 7.74 1.87 17.81
CA GLY A 216 7.87 3.28 18.13
C GLY A 216 9.32 3.73 18.22
N ALA A 217 9.53 5.00 17.91
CA ALA A 217 10.86 5.60 17.92
C ALA A 217 10.66 7.11 17.93
N PRO A 218 11.61 7.87 18.43
CA PRO A 218 11.41 9.32 18.50
C PRO A 218 11.42 9.94 17.10
N LEU A 219 10.49 10.87 16.87
CA LEU A 219 10.48 11.62 15.63
C LEU A 219 10.72 13.08 15.97
N MET A 220 11.47 13.75 15.12
CA MET A 220 12.13 14.98 15.48
C MET A 220 12.64 15.61 14.21
N LYS A 221 12.65 16.94 14.17
CA LYS A 221 13.21 17.63 13.03
C LYS A 221 14.70 17.32 12.96
N GLU A 222 15.23 17.25 11.74
CA GLU A 222 16.66 17.07 11.60
C GLU A 222 17.42 18.27 12.14
N ALA A 223 16.80 19.45 12.09
CA ALA A 223 17.49 20.65 12.55
C ALA A 223 17.76 20.59 14.04
N LEU A 224 16.82 20.04 14.81
CA LEU A 224 17.00 19.89 16.25
C LEU A 224 18.13 18.92 16.55
N LEU A 225 18.23 17.85 15.77
CA LEU A 225 19.27 16.87 15.97
C LEU A 225 20.63 17.42 15.57
N LYS A 226 20.68 18.41 14.68
CA LYS A 226 21.96 19.06 14.37
C LYS A 226 22.35 20.04 15.47
N LYS A 227 21.37 20.72 16.07
CA LYS A 227 21.64 21.61 17.20
C LYS A 227 22.06 20.81 18.43
N HIS A 228 21.45 19.64 18.65
CA HIS A 228 21.69 18.79 19.81
C HIS A 228 21.97 17.37 19.35
N PRO A 229 23.14 17.10 18.78
CA PRO A 229 23.41 15.73 18.32
C PRO A 229 23.40 14.69 19.42
N GLU A 230 23.65 15.10 20.68
CA GLU A 230 23.61 14.15 21.78
C GLU A 230 22.23 13.51 21.97
N LEU A 231 21.17 14.12 21.44
CA LEU A 231 19.85 13.50 21.57
C LEU A 231 19.78 12.15 20.88
N GLU A 232 20.65 11.90 19.89
CA GLU A 232 20.59 10.62 19.18
C GLU A 232 21.15 9.50 20.04
N ARG A 233 22.36 9.69 20.58
CA ARG A 233 22.93 8.72 21.49
C ARG A 233 22.04 8.51 22.71
N VAL A 234 21.49 9.60 23.24
CA VAL A 234 20.78 9.53 24.51
C VAL A 234 19.47 8.77 24.37
N LEU A 235 18.64 9.14 23.38
CA LEU A 235 17.36 8.48 23.25
C LEU A 235 17.49 7.08 22.67
N ASN A 236 18.59 6.79 21.97
CA ASN A 236 18.78 5.47 21.37
C ASN A 236 19.13 4.40 22.38
N THR A 237 19.35 4.74 23.65
CA THR A 237 19.48 3.69 24.66
C THR A 237 18.19 2.90 24.83
N LEU A 238 17.06 3.43 24.34
CA LEU A 238 15.81 2.69 24.27
C LEU A 238 15.71 1.79 23.05
N ALA A 239 16.63 1.93 22.09
CA ALA A 239 16.49 1.23 20.82
C ALA A 239 16.59 -0.28 21.04
N GLY A 240 15.69 -1.02 20.39
CA GLY A 240 15.70 -2.45 20.57
C GLY A 240 15.31 -2.91 21.95
N LYS A 241 14.83 -2.02 22.81
CA LYS A 241 14.47 -2.38 24.15
C LYS A 241 12.95 -2.32 24.30
N ILE A 242 12.49 -2.73 25.48
CA ILE A 242 11.09 -2.74 25.89
C ILE A 242 10.30 -3.76 25.09
N THR A 243 9.83 -4.79 25.78
CA THR A 243 9.02 -5.86 25.24
C THR A 243 7.55 -5.47 25.31
N GLU A 244 6.74 -6.15 24.50
CA GLU A 244 5.30 -5.94 24.58
C GLU A 244 4.79 -6.18 25.99
N SER A 245 5.33 -7.19 26.67
CA SER A 245 4.91 -7.48 28.03
C SER A 245 5.30 -6.36 28.98
N GLN A 246 6.48 -5.74 28.76
CA GLN A 246 6.88 -4.66 29.64
C GLN A 246 6.04 -3.42 29.40
N MET A 247 5.84 -3.04 28.13
CA MET A 247 5.01 -1.89 27.83
C MET A 247 3.57 -2.09 28.24
N SER A 248 3.06 -3.32 28.13
CA SER A 248 1.71 -3.60 28.58
C SER A 248 1.57 -3.38 30.07
N GLN A 249 2.58 -3.79 30.83
CA GLN A 249 2.54 -3.60 32.28
C GLN A 249 2.64 -2.13 32.64
N LEU A 250 3.44 -1.38 31.88
CA LEU A 250 3.51 0.05 32.11
C LEU A 250 2.16 0.70 31.83
N ASN A 251 1.47 0.28 30.78
CA ASN A 251 0.16 0.83 30.47
C ASN A 251 -0.87 0.48 31.55
N TYR A 252 -0.84 -0.76 32.03
CA TYR A 252 -1.68 -1.15 33.16
C TYR A 252 -1.47 -0.18 34.32
N GLN A 253 -0.21 0.11 34.63
CA GLN A 253 0.09 0.90 35.81
C GLN A 253 -0.50 2.30 35.69
N VAL A 254 -0.36 2.93 34.53
CA VAL A 254 -0.84 4.29 34.36
C VAL A 254 -2.34 4.31 34.11
N GLY A 255 -2.81 3.43 33.23
CA GLY A 255 -4.19 3.51 32.77
C GLY A 255 -5.19 2.82 33.65
N VAL A 256 -4.79 1.75 34.33
CA VAL A 256 -5.70 0.99 35.17
C VAL A 256 -5.47 1.29 36.64
N GLU A 257 -4.21 1.30 37.06
CA GLU A 257 -3.87 1.62 38.44
C GLU A 257 -3.77 3.12 38.70
N GLY A 258 -3.87 3.96 37.68
CA GLY A 258 -3.84 5.39 37.92
C GLY A 258 -2.51 5.91 38.41
N LYS A 259 -1.43 5.17 38.18
CA LYS A 259 -0.11 5.63 38.59
C LYS A 259 0.35 6.76 37.67
N SER A 260 1.25 7.58 38.17
CA SER A 260 1.78 8.67 37.38
C SER A 260 2.68 8.15 36.27
N ALA A 261 2.51 8.67 35.06
CA ALA A 261 3.29 8.15 33.94
C ALA A 261 4.78 8.41 34.12
N LYS A 262 5.13 9.58 34.65
CA LYS A 262 6.54 9.88 34.92
C LYS A 262 7.14 8.89 35.89
N GLN A 263 6.40 8.56 36.96
CA GLN A 263 6.90 7.62 37.96
C GLN A 263 7.03 6.22 37.40
N VAL A 264 6.04 5.80 36.62
CA VAL A 264 6.07 4.47 36.02
C VAL A 264 7.25 4.35 35.06
N ALA A 265 7.41 5.35 34.18
CA ALA A 265 8.56 5.39 33.29
C ALA A 265 9.87 5.42 34.08
N LYS A 266 9.91 6.23 35.14
CA LYS A 266 11.14 6.36 35.91
C LYS A 266 11.52 5.05 36.60
N GLU A 267 10.57 4.42 37.31
CA GLU A 267 10.87 3.16 37.97
C GLU A 267 11.40 2.14 36.96
N PHE A 268 10.76 2.08 35.79
CA PHE A 268 11.13 1.08 34.79
C PHE A 268 12.54 1.32 34.25
N LEU A 269 12.83 2.56 33.84
CA LEU A 269 14.16 2.88 33.34
C LEU A 269 15.22 2.59 34.38
N GLN A 270 14.93 2.89 35.65
CA GLN A 270 15.84 2.54 36.72
C GLN A 270 16.02 1.02 36.85
N GLU A 271 14.91 0.26 36.81
CA GLU A 271 15.03 -1.19 36.90
C GLU A 271 15.78 -1.77 35.71
N GLN A 272 15.64 -1.16 34.54
CA GLN A 272 16.36 -1.61 33.37
C GLN A 272 17.82 -1.14 33.35
N GLY A 273 18.22 -0.34 34.33
CA GLY A 273 19.55 0.23 34.33
C GLY A 273 19.72 1.38 33.35
N LEU A 274 18.63 1.88 32.80
CA LEU A 274 18.71 2.92 31.79
C LEU A 274 18.75 4.31 32.39
N LEU A 275 18.75 4.40 33.72
CA LEU A 275 18.54 5.66 34.41
C LEU A 275 19.12 5.49 35.80
N LYS A 276 19.91 6.48 36.26
CA LYS A 276 20.59 6.41 37.55
C LYS A 276 19.62 6.10 38.69
N LYS A 277 20.14 5.45 39.73
CA LYS A 277 19.36 4.92 40.86
C LYS A 277 18.28 3.94 40.42
N GLU B 6 -22.68 8.77 -33.46
CA GLU B 6 -21.52 9.24 -32.69
C GLU B 6 -20.27 8.36 -32.78
N ASN B 7 -19.11 9.02 -32.97
CA ASN B 7 -17.79 8.42 -32.86
C ASN B 7 -17.24 8.43 -31.45
N LEU B 8 -16.80 7.25 -30.99
CA LEU B 8 -16.05 7.07 -29.76
C LEU B 8 -14.59 6.94 -30.12
N ILE B 9 -13.73 7.64 -29.38
CA ILE B 9 -12.30 7.50 -29.54
C ILE B 9 -11.81 6.48 -28.48
N ILE B 10 -11.31 5.34 -28.94
CA ILE B 10 -10.83 4.29 -28.05
C ILE B 10 -9.32 4.20 -28.20
N ALA B 11 -8.61 4.58 -27.15
CA ALA B 11 -7.17 4.62 -27.22
C ALA B 11 -6.58 3.46 -26.43
N GLY B 12 -5.31 3.22 -26.65
CA GLY B 12 -4.64 2.14 -25.97
C GLY B 12 -3.29 2.62 -25.50
N LYS B 13 -2.80 1.99 -24.45
CA LYS B 13 -1.46 2.23 -23.99
C LYS B 13 -0.48 1.59 -24.96
N ILE B 14 0.81 1.78 -24.70
CA ILE B 14 1.83 1.29 -25.63
C ILE B 14 1.77 -0.23 -25.70
N GLY B 15 1.82 -0.75 -26.91
CA GLY B 15 2.00 -2.17 -27.10
C GLY B 15 0.93 -2.76 -27.98
N PRO B 16 1.21 -3.94 -28.54
CA PRO B 16 0.18 -4.65 -29.32
C PRO B 16 -1.07 -5.00 -28.50
N GLU B 17 -0.93 -5.32 -27.20
CA GLU B 17 -2.09 -5.76 -26.44
C GLU B 17 -3.16 -4.69 -26.25
N PRO B 18 -2.84 -3.44 -25.90
CA PRO B 18 -3.91 -2.43 -25.86
C PRO B 18 -4.51 -2.18 -27.22
N GLU B 19 -3.71 -2.26 -28.28
CA GLU B 19 -4.24 -2.09 -29.62
C GLU B 19 -5.25 -3.19 -29.95
N ILE B 20 -4.93 -4.43 -29.57
CA ILE B 20 -5.87 -5.55 -29.76
C ILE B 20 -7.15 -5.32 -28.98
N LEU B 21 -7.02 -4.94 -27.69
CA LEU B 21 -8.20 -4.69 -26.86
C LEU B 21 -9.03 -3.54 -27.41
N ALA B 22 -8.36 -2.45 -27.84
CA ALA B 22 -9.10 -1.33 -28.37
C ALA B 22 -9.87 -1.73 -29.61
N ASN B 23 -9.26 -2.55 -30.48
CA ASN B 23 -9.96 -3.01 -31.66
C ASN B 23 -11.14 -3.88 -31.28
N MET B 24 -10.98 -4.80 -30.32
CA MET B 24 -12.16 -5.58 -29.93
C MET B 24 -13.26 -4.69 -29.38
N TYR B 25 -12.91 -3.62 -28.65
CA TYR B 25 -13.95 -2.68 -28.25
C TYR B 25 -14.65 -2.09 -29.47
N LYS B 26 -13.87 -1.68 -30.48
CA LYS B 26 -14.47 -1.15 -31.71
C LYS B 26 -15.35 -2.18 -32.39
N LEU B 27 -14.85 -3.42 -32.50
CA LEU B 27 -15.61 -4.48 -33.16
C LEU B 27 -16.95 -4.72 -32.46
N LEU B 28 -16.93 -4.89 -31.14
CA LEU B 28 -18.20 -5.10 -30.44
C LEU B 28 -19.08 -3.87 -30.49
N ILE B 29 -18.51 -2.68 -30.32
CA ILE B 29 -19.33 -1.48 -30.32
C ILE B 29 -20.01 -1.28 -31.67
N GLU B 30 -19.28 -1.48 -32.75
CA GLU B 30 -19.86 -1.23 -34.06
C GLU B 30 -20.82 -2.32 -34.48
N GLU B 31 -20.56 -3.55 -34.04
CA GLU B 31 -21.50 -4.65 -34.28
C GLU B 31 -22.83 -4.45 -33.55
N ASN B 32 -22.79 -4.09 -32.26
CA ASN B 32 -24.00 -4.14 -31.44
C ASN B 32 -24.58 -2.78 -31.07
N THR B 33 -24.02 -1.67 -31.57
CA THR B 33 -24.56 -0.35 -31.27
C THR B 33 -24.54 0.51 -32.52
N SER B 34 -25.35 1.58 -32.50
CA SER B 34 -25.44 2.60 -33.56
C SER B 34 -24.23 3.55 -33.59
N MET B 35 -23.25 3.12 -32.83
CA MET B 35 -22.09 3.93 -32.51
C MET B 35 -20.89 3.40 -33.24
N THR B 36 -20.11 4.29 -33.81
CA THR B 36 -18.82 3.98 -34.41
C THR B 36 -17.67 4.37 -33.49
N ALA B 37 -16.54 3.71 -33.70
CA ALA B 37 -15.35 3.92 -32.89
C ALA B 37 -14.14 4.06 -33.79
N THR B 38 -13.12 4.71 -33.26
CA THR B 38 -11.83 4.83 -33.91
C THR B 38 -10.76 4.46 -32.89
N VAL B 39 -9.90 3.52 -33.25
CA VAL B 39 -8.85 3.09 -32.34
C VAL B 39 -7.65 4.01 -32.51
N LYS B 40 -7.05 4.38 -31.38
CA LYS B 40 -5.79 5.13 -31.41
C LYS B 40 -4.72 4.28 -30.74
N PRO B 41 -3.97 3.52 -31.53
CA PRO B 41 -2.97 2.62 -30.96
C PRO B 41 -1.76 3.38 -30.46
N ASN B 42 -1.09 2.80 -29.45
CA ASN B 42 0.12 3.36 -28.89
C ASN B 42 -0.07 4.82 -28.54
N PHE B 43 -1.17 5.10 -27.83
CA PHE B 43 -1.54 6.49 -27.62
C PHE B 43 -0.66 7.13 -26.55
N GLY B 44 -0.27 6.38 -25.54
CA GLY B 44 0.61 6.91 -24.51
C GLY B 44 0.65 5.98 -23.32
N GLY B 45 1.28 6.46 -22.26
CA GLY B 45 1.36 5.68 -21.04
C GLY B 45 0.12 5.84 -20.21
N THR B 46 0.18 5.24 -19.02
CA THR B 46 -0.99 5.22 -18.14
C THR B 46 -1.44 6.63 -17.81
N SER B 47 -0.49 7.48 -17.42
CA SER B 47 -0.84 8.82 -16.96
C SER B 47 -1.48 9.63 -18.07
N PHE B 48 -0.96 9.53 -19.29
CA PHE B 48 -1.51 10.26 -20.42
C PHE B 48 -2.94 9.83 -20.72
N LEU B 49 -3.15 8.53 -20.88
CA LEU B 49 -4.49 8.01 -21.19
C LEU B 49 -5.50 8.40 -20.13
N TYR B 50 -5.08 8.37 -18.87
CA TYR B 50 -6.03 8.64 -17.80
C TYR B 50 -6.44 10.10 -17.80
N GLU B 51 -5.47 11.01 -17.90
CA GLU B 51 -5.82 12.42 -18.05
C GLU B 51 -6.55 12.67 -19.34
N ALA B 52 -6.12 12.03 -20.43
CA ALA B 52 -6.84 12.20 -21.68
C ALA B 52 -8.26 11.67 -21.58
N LEU B 53 -8.47 10.62 -20.79
CA LEU B 53 -9.84 10.20 -20.51
C LEU B 53 -10.60 11.27 -19.74
N LYS B 54 -10.02 11.72 -18.62
CA LYS B 54 -10.73 12.66 -17.75
C LYS B 54 -10.94 14.00 -18.43
N LYS B 55 -9.97 14.44 -19.24
CA LYS B 55 -10.13 15.68 -19.97
C LYS B 55 -11.23 15.55 -21.02
N GLY B 56 -11.46 14.34 -21.54
CA GLY B 56 -12.42 14.11 -22.60
C GLY B 56 -11.85 13.96 -24.00
N ASP B 57 -10.52 13.90 -24.14
CA ASP B 57 -9.90 13.71 -25.46
C ASP B 57 -10.04 12.28 -25.98
N ILE B 58 -10.27 11.30 -25.11
CA ILE B 58 -10.61 9.94 -25.53
C ILE B 58 -11.87 9.55 -24.78
N ASP B 59 -12.49 8.45 -25.22
CA ASP B 59 -13.74 8.00 -24.63
C ASP B 59 -13.63 6.69 -23.86
N ILE B 60 -12.74 5.79 -24.29
CA ILE B 60 -12.54 4.49 -23.64
C ILE B 60 -11.08 4.15 -23.82
N TYR B 61 -10.47 3.57 -22.79
CA TYR B 61 -9.22 2.84 -22.96
C TYR B 61 -9.25 1.66 -22.00
N PRO B 62 -8.43 0.62 -22.27
CA PRO B 62 -8.37 -0.51 -21.32
C PRO B 62 -7.40 -0.23 -20.18
N GLU B 63 -7.91 -0.26 -18.95
CA GLU B 63 -7.09 0.02 -17.79
C GLU B 63 -7.02 -1.25 -16.94
N PHE B 64 -5.95 -1.38 -16.16
CA PHE B 64 -5.71 -2.60 -15.39
C PHE B 64 -5.94 -2.35 -13.91
N THR B 65 -6.52 -3.36 -13.24
CA THR B 65 -7.09 -3.15 -11.93
C THR B 65 -6.04 -2.70 -10.93
N GLY B 66 -4.94 -3.45 -10.84
CA GLY B 66 -3.87 -3.03 -9.96
C GLY B 66 -3.33 -1.68 -10.36
N THR B 67 -3.39 -1.33 -11.64
CA THR B 67 -2.95 0.01 -12.01
C THR B 67 -3.91 1.03 -11.45
N VAL B 68 -5.21 0.73 -11.46
CA VAL B 68 -6.17 1.65 -10.89
C VAL B 68 -5.87 1.88 -9.41
N THR B 69 -5.70 0.80 -8.64
CA THR B 69 -5.49 0.96 -7.21
C THR B 69 -4.11 1.49 -6.89
N GLU B 70 -3.08 1.16 -7.69
CA GLU B 70 -1.73 1.54 -7.29
C GLU B 70 -1.29 2.89 -7.84
N SER B 71 -1.71 3.25 -9.05
CA SER B 71 -1.40 4.54 -9.66
C SER B 71 -2.55 5.52 -9.59
N LEU B 72 -3.75 5.10 -10.02
CA LEU B 72 -4.81 6.06 -10.25
C LEU B 72 -5.44 6.56 -8.96
N LEU B 73 -5.71 5.64 -8.01
CA LEU B 73 -6.37 6.02 -6.76
C LEU B 73 -5.40 6.73 -5.84
N GLN B 74 -5.82 7.90 -5.36
CA GLN B 74 -4.94 8.78 -4.59
C GLN B 74 -5.72 9.17 -3.36
N PRO B 75 -5.40 8.60 -2.20
CA PRO B 75 -4.32 7.66 -1.93
C PRO B 75 -4.61 6.22 -2.32
N SER B 76 -3.53 5.47 -2.52
CA SER B 76 -3.67 4.11 -3.00
C SER B 76 -4.21 3.24 -1.88
N PRO B 77 -5.30 2.52 -2.10
CA PRO B 77 -5.82 1.62 -1.08
C PRO B 77 -4.93 0.40 -0.92
N LYS B 78 -4.92 -0.16 0.28
CA LYS B 78 -4.15 -1.36 0.57
C LYS B 78 -4.97 -2.57 0.13
N VAL B 79 -4.54 -3.22 -0.96
CA VAL B 79 -5.34 -4.23 -1.61
C VAL B 79 -4.68 -5.59 -1.44
N SER B 80 -5.51 -6.63 -1.52
CA SER B 80 -5.05 -8.01 -1.38
C SER B 80 -4.54 -8.53 -2.72
N HIS B 81 -4.41 -9.85 -2.84
CA HIS B 81 -4.07 -10.47 -4.12
C HIS B 81 -5.24 -11.23 -4.72
N GLU B 82 -6.41 -11.23 -4.09
CA GLU B 82 -7.62 -11.71 -4.75
C GLU B 82 -7.97 -10.76 -5.89
N PRO B 83 -8.03 -11.25 -7.14
CA PRO B 83 -8.25 -10.32 -8.28
C PRO B 83 -9.60 -9.66 -8.26
N GLU B 84 -10.64 -10.38 -7.79
CA GLU B 84 -11.98 -9.82 -7.87
C GLU B 84 -12.13 -8.67 -6.89
N GLN B 85 -11.67 -8.86 -5.66
CA GLN B 85 -11.68 -7.79 -4.67
C GLN B 85 -10.83 -6.62 -5.13
N VAL B 86 -9.69 -6.89 -5.76
CA VAL B 86 -8.88 -5.78 -6.26
C VAL B 86 -9.65 -5.01 -7.33
N TYR B 87 -10.43 -5.71 -8.15
CA TYR B 87 -11.28 -5.04 -9.13
C TYR B 87 -12.34 -4.19 -8.44
N GLN B 88 -13.08 -4.77 -7.49
CA GLN B 88 -14.11 -4.00 -6.80
C GLN B 88 -13.51 -2.75 -6.15
N VAL B 89 -12.34 -2.89 -5.52
CA VAL B 89 -11.70 -1.70 -4.97
C VAL B 89 -11.42 -0.71 -6.08
N ALA B 90 -10.84 -1.20 -7.17
CA ALA B 90 -10.54 -0.35 -8.32
C ALA B 90 -11.81 0.32 -8.83
N ARG B 91 -12.88 -0.45 -8.98
CA ARG B 91 -14.10 0.07 -9.56
C ARG B 91 -14.75 1.12 -8.66
N ASP B 92 -14.94 0.80 -7.38
CA ASP B 92 -15.58 1.74 -6.47
C ASP B 92 -14.73 3.00 -6.31
N GLY B 93 -13.43 2.85 -6.14
CA GLY B 93 -12.58 4.00 -5.88
C GLY B 93 -12.47 4.92 -7.06
N ILE B 94 -12.30 4.38 -8.27
CA ILE B 94 -12.15 5.27 -9.42
C ILE B 94 -13.48 5.94 -9.72
N ALA B 95 -14.60 5.31 -9.36
CA ALA B 95 -15.89 5.95 -9.60
C ALA B 95 -16.12 7.09 -8.62
N LYS B 96 -15.82 6.89 -7.33
CA LYS B 96 -15.97 7.98 -6.37
C LYS B 96 -14.92 9.07 -6.61
N GLN B 97 -13.68 8.68 -6.94
CA GLN B 97 -12.62 9.67 -7.11
C GLN B 97 -12.89 10.53 -8.34
N ASP B 98 -12.99 9.89 -9.50
CA ASP B 98 -12.95 10.59 -10.79
C ASP B 98 -14.20 10.42 -11.62
N HIS B 99 -15.24 9.78 -11.07
CA HIS B 99 -16.50 9.55 -11.80
C HIS B 99 -16.27 8.81 -13.12
N LEU B 100 -15.33 7.87 -13.10
CA LEU B 100 -15.10 6.99 -14.23
C LEU B 100 -15.75 5.63 -13.97
N ALA B 101 -16.35 5.07 -15.00
CA ALA B 101 -16.97 3.76 -14.92
C ALA B 101 -15.97 2.71 -15.37
N TYR B 102 -15.68 1.75 -14.50
CA TYR B 102 -14.69 0.70 -14.76
C TYR B 102 -15.45 -0.62 -14.95
N LEU B 103 -15.50 -1.10 -16.20
CA LEU B 103 -16.38 -2.23 -16.49
C LEU B 103 -15.77 -3.51 -15.95
N LYS B 104 -16.47 -4.62 -16.16
CA LYS B 104 -16.03 -5.85 -15.52
C LYS B 104 -14.77 -6.38 -16.19
N PRO B 105 -13.82 -6.91 -15.42
CA PRO B 105 -12.52 -7.25 -15.99
C PRO B 105 -12.51 -8.54 -16.79
N MET B 106 -11.54 -8.62 -17.67
CA MET B 106 -11.28 -9.84 -18.43
C MET B 106 -10.61 -10.86 -17.51
N SER B 107 -10.52 -12.10 -17.98
CA SER B 107 -9.97 -13.14 -17.10
C SER B 107 -8.47 -12.96 -16.88
N TYR B 108 -7.72 -12.73 -17.95
CA TYR B 108 -6.28 -12.91 -17.87
C TYR B 108 -5.62 -11.80 -17.07
N GLN B 109 -4.46 -12.12 -16.53
CA GLN B 109 -3.59 -11.16 -15.84
C GLN B 109 -2.44 -10.75 -16.75
N ASN B 110 -2.18 -9.45 -16.82
CA ASN B 110 -1.01 -8.91 -17.50
C ASN B 110 -0.19 -8.15 -16.45
N THR B 111 0.72 -8.86 -15.79
CA THR B 111 1.41 -8.22 -14.69
C THR B 111 2.73 -7.63 -15.13
N TYR B 112 3.18 -6.65 -14.35
CA TYR B 112 4.57 -6.28 -14.39
C TYR B 112 5.40 -7.50 -13.99
N ALA B 113 6.46 -7.72 -14.74
CA ALA B 113 7.33 -8.87 -14.53
C ALA B 113 8.76 -8.41 -14.72
N VAL B 114 9.59 -8.60 -13.70
CA VAL B 114 11.02 -8.38 -13.82
C VAL B 114 11.61 -9.52 -14.62
N ALA B 115 12.29 -9.20 -15.72
CA ALA B 115 12.76 -10.23 -16.63
C ALA B 115 14.26 -10.09 -16.87
N VAL B 116 14.93 -11.24 -16.89
CA VAL B 116 16.33 -11.34 -17.28
C VAL B 116 16.41 -12.31 -18.45
N PRO B 117 17.38 -12.19 -19.34
CA PRO B 117 17.62 -13.27 -20.31
C PRO B 117 17.86 -14.56 -19.54
N LYS B 118 17.40 -15.69 -20.12
CA LYS B 118 17.51 -16.95 -19.41
C LYS B 118 18.96 -17.30 -19.12
N LYS B 119 19.84 -17.03 -20.08
CA LYS B 119 21.28 -17.17 -19.86
C LYS B 119 21.74 -16.42 -18.60
N ILE B 120 21.20 -15.23 -18.35
CA ILE B 120 21.62 -14.46 -17.18
C ILE B 120 21.10 -15.09 -15.90
N ALA B 121 19.87 -15.60 -15.93
CA ALA B 121 19.31 -16.26 -14.75
C ALA B 121 20.12 -17.48 -14.35
N GLN B 122 20.52 -18.32 -15.32
CA GLN B 122 21.25 -19.52 -14.94
C GLN B 122 22.68 -19.19 -14.52
N GLU B 123 23.26 -18.14 -15.10
CA GLU B 123 24.66 -17.87 -14.80
C GLU B 123 24.83 -17.05 -13.53
N TYR B 124 23.80 -16.31 -13.11
CA TYR B 124 23.83 -15.55 -11.88
C TYR B 124 22.98 -16.16 -10.77
N GLY B 125 22.34 -17.31 -11.01
CA GLY B 125 21.50 -17.95 -10.03
C GLY B 125 20.26 -17.16 -9.66
N LEU B 126 19.55 -16.63 -10.65
CA LEU B 126 18.37 -15.80 -10.44
C LEU B 126 17.11 -16.62 -10.68
N LYS B 127 16.26 -16.69 -9.67
CA LYS B 127 14.93 -17.26 -9.80
C LYS B 127 13.86 -16.29 -9.34
N THR B 128 14.14 -15.50 -8.32
CA THR B 128 13.19 -14.60 -7.68
C THR B 128 13.74 -13.18 -7.68
N ILE B 129 12.83 -12.20 -7.48
CA ILE B 129 13.26 -10.81 -7.42
C ILE B 129 14.26 -10.62 -6.30
N SER B 130 14.04 -11.31 -5.17
CA SER B 130 14.99 -11.30 -4.07
C SER B 130 16.38 -11.72 -4.52
N ASP B 131 16.48 -12.60 -5.51
CA ASP B 131 17.79 -13.02 -6.00
C ASP B 131 18.56 -11.87 -6.64
N LEU B 132 17.88 -10.79 -7.02
CA LEU B 132 18.61 -9.67 -7.59
C LEU B 132 19.43 -8.89 -6.56
N LYS B 133 19.11 -9.02 -5.26
CA LYS B 133 19.98 -8.41 -4.26
C LYS B 133 21.43 -8.85 -4.45
N LYS B 134 21.63 -10.12 -4.81
CA LYS B 134 22.97 -10.67 -4.93
C LYS B 134 23.80 -9.96 -5.99
N VAL B 135 23.14 -9.40 -7.01
CA VAL B 135 23.81 -8.99 -8.25
C VAL B 135 23.48 -7.55 -8.64
N GLU B 136 22.86 -6.81 -7.73
CA GLU B 136 22.40 -5.47 -8.09
C GLU B 136 23.55 -4.52 -8.41
N GLY B 137 24.76 -4.84 -7.96
CA GLY B 137 25.96 -4.14 -8.35
C GLY B 137 26.68 -4.74 -9.52
N GLN B 138 26.09 -5.73 -10.21
CA GLN B 138 26.73 -6.32 -11.38
C GLN B 138 25.87 -6.33 -12.61
N LEU B 139 24.56 -6.21 -12.47
CA LEU B 139 23.67 -6.18 -13.62
C LEU B 139 23.19 -4.77 -13.86
N LYS B 140 22.77 -4.49 -15.08
CA LYS B 140 22.20 -3.20 -15.41
C LYS B 140 20.74 -3.42 -15.77
N ALA B 141 19.86 -2.63 -15.17
CA ALA B 141 18.44 -2.70 -15.42
C ALA B 141 18.04 -1.57 -16.35
N GLY B 142 17.14 -1.86 -17.27
CA GLY B 142 16.58 -0.79 -18.05
C GLY B 142 15.08 -0.84 -17.91
N PHE B 143 14.50 0.15 -17.27
CA PHE B 143 13.08 0.15 -16.94
C PHE B 143 12.39 1.26 -17.72
N THR B 144 11.11 1.06 -18.02
CA THR B 144 10.34 2.19 -18.52
C THR B 144 10.24 3.24 -17.43
N LEU B 145 10.09 4.50 -17.85
CA LEU B 145 9.90 5.58 -16.90
C LEU B 145 8.75 5.31 -15.95
N GLU B 146 7.64 4.81 -16.48
CA GLU B 146 6.44 4.66 -15.65
C GLU B 146 6.66 3.59 -14.57
N PHE B 147 7.21 2.45 -14.95
CA PHE B 147 7.57 1.44 -13.97
C PHE B 147 8.56 1.99 -12.97
N ASN B 148 9.57 2.71 -13.46
CA ASN B 148 10.57 3.26 -12.57
C ASN B 148 9.93 4.14 -11.51
N ASP B 149 8.88 4.88 -11.87
CA ASP B 149 8.34 5.86 -10.97
C ASP B 149 7.10 5.38 -10.21
N ARG B 150 6.72 4.11 -10.37
CA ARG B 150 5.51 3.60 -9.73
C ARG B 150 5.84 2.88 -8.43
N GLU B 151 4.87 2.89 -7.50
CA GLU B 151 5.08 2.22 -6.21
C GLU B 151 4.97 0.70 -6.34
N ASP B 152 4.14 0.23 -7.27
CA ASP B 152 4.22 -1.16 -7.70
C ASP B 152 5.34 -1.39 -8.73
N GLY B 153 6.25 -0.44 -8.93
CA GLY B 153 7.37 -0.67 -9.82
C GLY B 153 8.70 -0.50 -9.13
N ASN B 154 9.63 0.28 -9.70
CA ASN B 154 10.97 0.31 -9.13
C ASN B 154 11.00 0.94 -7.74
N LYS B 155 10.10 1.88 -7.44
CA LYS B 155 10.04 2.36 -6.07
C LYS B 155 9.68 1.25 -5.10
N GLY B 156 8.85 0.31 -5.51
CA GLY B 156 8.55 -0.81 -4.63
C GLY B 156 9.62 -1.87 -4.64
N LEU B 157 10.38 -1.99 -5.73
CA LEU B 157 11.58 -2.84 -5.66
C LEU B 157 12.51 -2.31 -4.58
N GLN B 158 12.68 -0.99 -4.53
CA GLN B 158 13.47 -0.39 -3.47
C GLN B 158 12.84 -0.63 -2.11
N SER B 159 11.55 -0.35 -2.00
CA SER B 159 10.97 -0.27 -0.67
C SER B 159 10.55 -1.63 -0.14
N MET B 160 10.19 -2.57 -1.00
CA MET B 160 9.79 -3.85 -0.40
C MET B 160 10.89 -4.89 -0.45
N TYR B 161 11.75 -4.84 -1.46
CA TYR B 161 12.84 -5.78 -1.57
C TYR B 161 14.15 -5.25 -1.04
N GLY B 162 14.27 -3.94 -0.81
CA GLY B 162 15.58 -3.41 -0.55
C GLY B 162 16.49 -3.45 -1.74
N LEU B 163 15.93 -3.48 -2.94
CA LEU B 163 16.68 -3.51 -4.19
C LEU B 163 17.01 -2.10 -4.63
N ASN B 164 18.31 -1.77 -4.72
CA ASN B 164 18.73 -0.54 -5.37
C ASN B 164 19.47 -0.93 -6.65
N LEU B 165 18.69 -1.14 -7.69
CA LEU B 165 19.25 -1.52 -8.98
C LEU B 165 19.89 -0.32 -9.66
N ASN B 166 20.95 -0.60 -10.40
CA ASN B 166 21.50 0.36 -11.35
C ASN B 166 20.52 0.42 -12.50
N VAL B 167 19.71 1.48 -12.56
CA VAL B 167 18.59 1.57 -13.49
C VAL B 167 18.81 2.71 -14.47
N ALA B 168 18.68 2.42 -15.76
CA ALA B 168 18.50 3.42 -16.80
C ALA B 168 17.06 3.41 -17.25
N THR B 169 16.41 4.56 -17.21
CA THR B 169 15.05 4.66 -17.72
C THR B 169 15.09 4.73 -19.23
N MET B 170 14.21 3.96 -19.86
CA MET B 170 14.27 3.71 -21.29
C MET B 170 12.88 3.85 -21.89
N GLN B 171 12.85 4.15 -23.19
CA GLN B 171 11.59 4.08 -23.92
C GLN B 171 11.08 2.63 -23.91
N PRO B 172 9.75 2.44 -23.95
CA PRO B 172 9.21 1.08 -23.80
C PRO B 172 9.77 0.07 -24.81
N ALA B 173 9.82 0.45 -26.09
CA ALA B 173 10.27 -0.50 -27.11
C ALA B 173 11.79 -0.71 -27.04
N LEU B 174 12.56 0.36 -26.83
CA LEU B 174 14.01 0.22 -26.78
C LEU B 174 14.46 -0.81 -25.76
N ARG B 175 13.73 -0.96 -24.66
CA ARG B 175 14.26 -1.75 -23.56
C ARG B 175 14.36 -3.21 -23.92
N TYR B 176 13.50 -3.71 -24.80
CA TYR B 176 13.62 -5.09 -25.21
C TYR B 176 14.75 -5.28 -26.18
N GLN B 177 14.98 -4.28 -27.04
CA GLN B 177 16.12 -4.37 -27.93
C GLN B 177 17.43 -4.17 -27.16
N ALA B 178 17.38 -3.41 -26.05
CA ALA B 178 18.57 -3.23 -25.23
C ALA B 178 18.89 -4.49 -24.41
N ILE B 179 17.86 -5.15 -23.85
CA ILE B 179 18.14 -6.40 -23.14
C ILE B 179 18.62 -7.46 -24.10
N HIS B 180 18.14 -7.43 -25.36
CA HIS B 180 18.48 -8.46 -26.32
C HIS B 180 19.90 -8.28 -26.84
N SER B 181 20.38 -7.05 -26.87
CA SER B 181 21.75 -6.79 -27.31
C SER B 181 22.78 -6.95 -26.20
N GLY B 182 22.34 -7.02 -24.94
CA GLY B 182 23.25 -7.09 -23.82
C GLY B 182 23.49 -5.79 -23.10
N ASP B 183 22.91 -4.68 -23.60
CA ASP B 183 23.15 -3.36 -23.02
C ASP B 183 22.59 -3.25 -21.62
N ILE B 184 21.48 -3.93 -21.35
CA ILE B 184 20.97 -4.17 -20.01
C ILE B 184 20.77 -5.67 -19.84
N GLN B 185 20.42 -6.08 -18.62
CA GLN B 185 20.20 -7.49 -18.32
C GLN B 185 18.96 -7.72 -17.46
N ILE B 186 18.25 -6.66 -17.10
CA ILE B 186 17.03 -6.73 -16.31
C ILE B 186 16.07 -5.71 -16.88
N THR B 187 14.81 -6.10 -17.08
CA THR B 187 13.86 -5.13 -17.59
C THR B 187 12.48 -5.39 -17.01
N ASP B 188 11.66 -4.33 -17.02
CA ASP B 188 10.27 -4.42 -16.58
C ASP B 188 9.45 -4.95 -17.75
N ALA B 189 9.23 -6.26 -17.75
CA ALA B 189 8.40 -6.87 -18.78
C ALA B 189 6.94 -6.86 -18.36
N TYR B 190 6.07 -7.02 -19.35
CA TYR B 190 4.66 -7.32 -19.09
C TYR B 190 4.50 -8.81 -19.40
N SER B 191 3.84 -9.53 -18.50
CA SER B 191 3.86 -10.99 -18.52
C SER B 191 3.26 -11.59 -19.78
N THR B 192 2.49 -10.80 -20.55
CA THR B 192 1.95 -11.28 -21.80
C THR B 192 2.67 -10.70 -23.01
N ASP B 193 3.73 -9.94 -22.80
CA ASP B 193 4.48 -9.38 -23.93
C ASP B 193 5.05 -10.49 -24.81
N ALA B 194 4.97 -10.28 -26.12
CA ALA B 194 5.56 -11.25 -27.03
C ALA B 194 7.07 -11.31 -26.92
N GLU B 195 7.69 -10.25 -26.38
CA GLU B 195 9.15 -10.18 -26.37
C GLU B 195 9.79 -11.17 -25.39
N LEU B 196 9.06 -11.59 -24.36
CA LEU B 196 9.58 -12.61 -23.45
C LEU B 196 9.96 -13.87 -24.19
N GLU B 197 9.04 -14.40 -24.98
CA GLU B 197 9.34 -15.60 -25.73
C GLU B 197 10.25 -15.28 -26.91
N ARG B 198 10.06 -14.10 -27.53
CA ARG B 198 10.85 -13.74 -28.70
C ARG B 198 12.34 -13.68 -28.35
N TYR B 199 12.67 -13.09 -27.20
CA TYR B 199 14.04 -12.84 -26.80
C TYR B 199 14.52 -13.79 -25.72
N ASP B 200 13.76 -14.84 -25.44
CA ASP B 200 14.11 -15.88 -24.46
C ASP B 200 14.47 -15.27 -23.11
N LEU B 201 13.54 -14.49 -22.58
CA LEU B 201 13.72 -13.90 -21.27
C LEU B 201 13.01 -14.73 -20.20
N GLN B 202 13.47 -14.59 -18.98
CA GLN B 202 12.92 -15.32 -17.85
C GLN B 202 12.33 -14.33 -16.86
N VAL B 203 11.07 -14.54 -16.49
CA VAL B 203 10.43 -13.71 -15.49
C VAL B 203 10.83 -14.24 -14.11
N LEU B 204 11.21 -13.34 -13.22
CA LEU B 204 11.54 -13.71 -11.85
C LEU B 204 10.30 -13.73 -10.99
N GLU B 205 10.28 -14.64 -10.02
CA GLU B 205 9.15 -14.74 -9.11
C GLU B 205 9.06 -13.49 -8.25
N ASP B 206 7.85 -12.92 -8.19
CA ASP B 206 7.56 -11.84 -7.25
C ASP B 206 7.32 -12.47 -5.88
N ASP B 207 8.43 -12.79 -5.22
CA ASP B 207 8.39 -13.64 -4.04
C ASP B 207 7.96 -12.92 -2.77
N LYS B 208 8.15 -11.60 -2.70
CA LYS B 208 7.58 -10.81 -1.61
C LYS B 208 6.25 -10.20 -2.00
N GLN B 209 5.76 -10.53 -3.19
CA GLN B 209 4.39 -10.24 -3.60
C GLN B 209 4.16 -8.75 -3.72
N LEU B 210 5.11 -8.08 -4.38
CA LEU B 210 5.02 -6.65 -4.57
C LEU B 210 3.87 -6.29 -5.50
N PHE B 211 3.64 -7.10 -6.53
CA PHE B 211 2.75 -6.68 -7.59
C PHE B 211 1.32 -7.11 -7.27
N PRO B 212 0.36 -6.21 -7.42
CA PRO B 212 -1.03 -6.57 -7.23
C PRO B 212 -1.53 -7.34 -8.44
N PRO B 213 -2.75 -7.85 -8.39
CA PRO B 213 -3.35 -8.37 -9.63
C PRO B 213 -3.57 -7.28 -10.67
N TYR B 214 -3.46 -7.67 -11.93
CA TYR B 214 -3.77 -6.78 -13.04
C TYR B 214 -4.67 -7.52 -14.00
N GLN B 215 -5.94 -7.18 -13.96
CA GLN B 215 -6.88 -7.55 -15.00
C GLN B 215 -7.33 -6.31 -15.73
N GLY B 216 -7.53 -6.46 -17.04
CA GLY B 216 -7.96 -5.35 -17.88
C GLY B 216 -9.48 -5.27 -18.01
N ALA B 217 -9.96 -4.04 -18.11
CA ALA B 217 -11.37 -3.76 -18.31
C ALA B 217 -11.51 -2.38 -18.91
N PRO B 218 -12.59 -2.10 -19.61
CA PRO B 218 -12.76 -0.76 -20.16
C PRO B 218 -12.94 0.28 -19.06
N LEU B 219 -12.31 1.45 -19.25
CA LEU B 219 -12.52 2.59 -18.37
C LEU B 219 -13.04 3.74 -19.21
N MET B 220 -14.10 4.39 -18.72
CA MET B 220 -14.75 5.50 -19.42
C MET B 220 -15.35 6.45 -18.39
N LYS B 221 -15.76 7.62 -18.86
CA LYS B 221 -16.53 8.56 -18.05
C LYS B 221 -17.85 7.93 -17.66
N GLU B 222 -18.32 8.23 -16.45
CA GLU B 222 -19.69 7.83 -16.12
C GLU B 222 -20.67 8.53 -17.03
N ALA B 223 -20.32 9.71 -17.53
CA ALA B 223 -21.19 10.45 -18.44
C ALA B 223 -21.43 9.67 -19.72
N LEU B 224 -20.38 9.06 -20.23
CA LEU B 224 -20.47 8.31 -21.47
C LEU B 224 -21.37 7.10 -21.30
N LEU B 225 -21.18 6.35 -20.21
CA LEU B 225 -22.01 5.18 -19.95
C LEU B 225 -23.43 5.57 -19.60
N LYS B 226 -23.62 6.76 -19.01
CA LYS B 226 -24.98 7.28 -18.85
C LYS B 226 -25.63 7.52 -20.20
N LYS B 227 -24.90 8.17 -21.12
CA LYS B 227 -25.51 8.46 -22.40
C LYS B 227 -25.70 7.19 -23.25
N HIS B 228 -24.85 6.16 -23.12
CA HIS B 228 -25.07 4.91 -23.85
C HIS B 228 -24.96 3.71 -22.91
N PRO B 229 -26.01 3.42 -22.12
CA PRO B 229 -25.91 2.31 -21.16
C PRO B 229 -25.72 0.95 -21.81
N GLU B 230 -26.03 0.82 -23.11
CA GLU B 230 -25.79 -0.42 -23.83
C GLU B 230 -24.31 -0.77 -23.89
N LEU B 231 -23.42 0.19 -23.71
CA LEU B 231 -21.99 -0.12 -23.77
C LEU B 231 -21.58 -1.08 -22.67
N GLU B 232 -22.30 -1.07 -21.54
CA GLU B 232 -21.94 -1.97 -20.45
C GLU B 232 -22.15 -3.42 -20.85
N ARG B 233 -23.34 -3.77 -21.38
CA ARG B 233 -23.60 -5.15 -21.78
C ARG B 233 -22.75 -5.54 -22.99
N VAL B 234 -22.54 -4.63 -23.94
CA VAL B 234 -21.69 -4.93 -25.11
C VAL B 234 -20.27 -5.25 -24.71
N LEU B 235 -19.66 -4.41 -23.88
CA LEU B 235 -18.25 -4.60 -23.56
C LEU B 235 -18.04 -5.71 -22.52
N ASN B 236 -18.98 -5.85 -21.58
CA ASN B 236 -18.90 -6.91 -20.56
C ASN B 236 -19.08 -8.29 -21.16
N THR B 237 -19.41 -8.35 -22.45
CA THR B 237 -19.23 -9.57 -23.23
C THR B 237 -17.86 -10.20 -23.01
N LEU B 238 -16.83 -9.38 -22.87
CA LEU B 238 -15.49 -9.92 -22.67
C LEU B 238 -15.17 -10.21 -21.22
N ALA B 239 -16.05 -9.85 -20.29
CA ALA B 239 -15.72 -9.99 -18.88
C ALA B 239 -15.55 -11.47 -18.54
N GLY B 240 -14.51 -11.79 -17.77
CA GLY B 240 -14.28 -13.16 -17.37
C GLY B 240 -13.85 -14.07 -18.49
N LYS B 241 -13.45 -13.50 -19.62
CA LYS B 241 -13.00 -14.24 -20.79
C LYS B 241 -11.58 -13.83 -21.12
N ILE B 242 -11.00 -14.53 -22.12
CA ILE B 242 -9.63 -14.34 -22.57
C ILE B 242 -8.64 -14.80 -21.51
N THR B 243 -8.00 -15.95 -21.77
CA THR B 243 -6.98 -16.48 -20.88
C THR B 243 -5.65 -15.78 -21.14
N GLU B 244 -4.65 -16.09 -20.31
CA GLU B 244 -3.32 -15.53 -20.54
C GLU B 244 -2.68 -16.12 -21.78
N SER B 245 -2.91 -17.41 -22.03
CA SER B 245 -2.36 -18.03 -23.24
C SER B 245 -2.98 -17.43 -24.49
N GLN B 246 -4.29 -17.12 -24.45
CA GLN B 246 -4.96 -16.56 -25.62
C GLN B 246 -4.48 -15.15 -25.92
N MET B 247 -4.37 -14.31 -24.90
CA MET B 247 -3.89 -12.94 -25.11
C MET B 247 -2.44 -12.90 -25.54
N SER B 248 -1.60 -13.75 -24.94
CA SER B 248 -0.20 -13.82 -25.35
C SER B 248 -0.09 -14.18 -26.82
N GLN B 249 -0.90 -15.14 -27.26
CA GLN B 249 -0.85 -15.56 -28.65
C GLN B 249 -1.32 -14.43 -29.59
N LEU B 250 -2.33 -13.66 -29.18
CA LEU B 250 -2.73 -12.50 -29.96
C LEU B 250 -1.60 -11.48 -30.07
N ASN B 251 -0.91 -11.21 -28.95
CA ASN B 251 0.22 -10.27 -29.00
C ASN B 251 1.34 -10.78 -29.87
N TYR B 252 1.64 -12.08 -29.77
CA TYR B 252 2.60 -12.70 -30.69
C TYR B 252 2.19 -12.46 -32.14
N GLN B 253 0.90 -12.59 -32.46
CA GLN B 253 0.45 -12.40 -33.84
C GLN B 253 0.67 -10.97 -34.31
N VAL B 254 0.30 -9.99 -33.48
CA VAL B 254 0.35 -8.59 -33.89
C VAL B 254 1.75 -8.02 -33.70
N GLY B 255 2.40 -8.37 -32.60
CA GLY B 255 3.69 -7.78 -32.25
C GLY B 255 4.87 -8.35 -32.98
N VAL B 256 4.88 -9.66 -33.21
CA VAL B 256 6.01 -10.34 -33.85
C VAL B 256 5.68 -10.74 -35.28
N GLU B 257 4.52 -11.34 -35.48
CA GLU B 257 4.17 -11.83 -36.80
C GLU B 257 3.64 -10.74 -37.70
N GLY B 258 3.46 -9.53 -37.19
CA GLY B 258 3.08 -8.40 -38.02
C GLY B 258 1.63 -8.37 -38.45
N LYS B 259 0.78 -9.27 -37.95
CA LYS B 259 -0.60 -9.28 -38.37
C LYS B 259 -1.32 -8.02 -37.88
N SER B 260 -2.43 -7.71 -38.54
CA SER B 260 -3.21 -6.53 -38.15
C SER B 260 -3.93 -6.78 -36.84
N ALA B 261 -3.94 -5.75 -35.98
CA ALA B 261 -4.60 -5.90 -34.69
C ALA B 261 -6.11 -6.09 -34.85
N LYS B 262 -6.72 -5.35 -35.77
CA LYS B 262 -8.14 -5.55 -36.03
C LYS B 262 -8.43 -6.97 -36.50
N GLN B 263 -7.66 -7.45 -37.47
CA GLN B 263 -7.90 -8.79 -37.98
C GLN B 263 -7.64 -9.85 -36.92
N VAL B 264 -6.58 -9.70 -36.13
CA VAL B 264 -6.32 -10.64 -35.05
C VAL B 264 -7.44 -10.59 -34.03
N ALA B 265 -7.86 -9.38 -33.65
CA ALA B 265 -8.98 -9.22 -32.73
C ALA B 265 -10.25 -9.80 -33.32
N LYS B 266 -10.59 -9.38 -34.55
CA LYS B 266 -11.79 -9.83 -35.24
C LYS B 266 -11.86 -11.34 -35.33
N GLU B 267 -10.74 -11.97 -35.73
CA GLU B 267 -10.69 -13.42 -35.81
C GLU B 267 -11.04 -14.04 -34.47
N PHE B 268 -10.35 -13.62 -33.41
CA PHE B 268 -10.45 -14.34 -32.15
C PHE B 268 -11.81 -14.15 -31.48
N LEU B 269 -12.44 -12.97 -31.60
CA LEU B 269 -13.80 -12.88 -31.06
C LEU B 269 -14.78 -13.73 -31.86
N GLN B 270 -14.59 -13.79 -33.18
CA GLN B 270 -15.42 -14.66 -33.99
C GLN B 270 -15.28 -16.12 -33.54
N GLU B 271 -14.05 -16.57 -33.32
CA GLU B 271 -13.82 -17.94 -32.87
C GLU B 271 -14.47 -18.20 -31.53
N GLN B 272 -14.28 -17.29 -30.57
CA GLN B 272 -14.86 -17.49 -29.25
C GLN B 272 -16.35 -17.15 -29.19
N GLY B 273 -16.96 -16.84 -30.33
CA GLY B 273 -18.39 -16.64 -30.38
C GLY B 273 -18.86 -15.27 -29.96
N LEU B 274 -17.99 -14.26 -30.00
CA LEU B 274 -18.41 -12.96 -29.50
C LEU B 274 -18.71 -11.98 -30.63
N LEU B 275 -18.48 -12.40 -31.88
CA LEU B 275 -18.73 -11.56 -33.05
C LEU B 275 -19.34 -12.45 -34.12
N LYS B 276 -20.23 -11.86 -34.92
CA LYS B 276 -20.89 -12.63 -35.97
C LYS B 276 -19.89 -13.15 -36.99
N LYS B 277 -20.24 -14.31 -37.56
CA LYS B 277 -19.52 -14.98 -38.65
C LYS B 277 -18.08 -15.35 -38.28
O01 LW8 C . 0.57 5.46 16.72
C02 LW8 C . -0.17 4.78 15.95
O03 LW8 C . -0.12 4.93 14.70
C04 LW8 C . -1.17 3.78 16.52
N05 LW8 C . -0.53 2.50 16.80
C06 LW8 C . -1.43 1.60 17.54
C07 LW8 C . -0.22 1.81 15.57
C08 LW8 C . 0.71 2.71 17.56
C09 LW8 C . -1.84 4.35 17.77
C10 LW8 C . -2.55 5.69 17.61
N11 LW8 C . -2.96 6.49 18.60
C14 LW8 C . -3.54 7.57 18.09
S15 LW8 C . -4.16 8.77 18.95
N13 LW8 C . -3.51 7.48 16.76
C12 LW8 C . -2.91 6.33 16.42
O01 LW8 D . -0.36 -0.34 -16.19
C02 LW8 D . -0.36 -1.20 -17.12
O03 LW8 D . -1.31 -1.26 -17.95
C04 LW8 D . 0.86 -2.12 -17.25
N05 LW8 D . 0.51 -3.49 -16.83
C06 LW8 D . -0.05 -3.39 -15.52
C07 LW8 D . -0.45 -4.13 -17.72
C08 LW8 D . 1.70 -4.32 -16.74
C09 LW8 D . 1.47 -2.03 -18.65
C10 LW8 D . 1.77 -0.58 -19.07
N11 LW8 D . 1.98 -0.12 -20.30
C14 LW8 D . 2.20 1.21 -20.23
S15 LW8 D . 2.49 2.22 -21.46
N13 LW8 D . 2.13 1.59 -18.96
C12 LW8 D . 1.87 0.52 -18.22
#